data_5ENU
#
_entry.id   5ENU
#
_cell.length_a   53.340
_cell.length_b   37.010
_cell.length_c   75.360
_cell.angle_alpha   90.000
_cell.angle_beta   110.080
_cell.angle_gamma   90.000
#
_symmetry.space_group_name_H-M   'P 1 21 1'
#
loop_
_entity.id
_entity.type
_entity.pdbx_description
1 polymer 'Alkyl hydroperoxide reductase/ Thiol specific antioxidant/ Mal allergen'
2 water water
#
_entity_poly.entity_id   1
_entity_poly.type   'polypeptide(L)'
_entity_poly.pdbx_seq_one_letter_code
;MAHHHHHHMSVEVDRQVPDFTAPATGGDISLSDLKGRKLVLYFYPKDNTPGCTTEGLQFRELYPKFKKAGAEIIGVSRDS
LRSHDNFKAKLELPFPLISDADEALCALFDVIKMKKMYGKEVRGIERSTFLIDADGVLRQAWRGIKVPGHVDDVLSAVQA
L
;
_entity_poly.pdbx_strand_id   A,B
#
# COMPACT_ATOMS: atom_id res chain seq x y z
N HIS A 5 -29.81 8.77 -3.61
CA HIS A 5 -29.21 7.44 -3.56
C HIS A 5 -29.90 6.54 -2.52
N HIS A 6 -30.53 5.47 -2.99
CA HIS A 6 -31.26 4.54 -2.13
C HIS A 6 -30.42 3.35 -1.70
N HIS A 7 -29.13 3.36 -2.00
CA HIS A 7 -28.21 2.34 -1.55
C HIS A 7 -27.02 3.03 -0.89
N HIS A 8 -26.40 2.33 0.06
CA HIS A 8 -25.24 2.87 0.74
C HIS A 8 -24.05 2.96 -0.21
N MET A 9 -23.35 4.09 -0.16
CA MET A 9 -22.20 4.33 -1.03
C MET A 9 -20.94 4.33 -0.18
N SER A 10 -20.02 3.42 -0.48
CA SER A 10 -18.76 3.31 0.24
C SER A 10 -17.68 4.13 -0.48
N VAL A 11 -16.62 4.47 0.26
CA VAL A 11 -15.60 5.34 -0.35
C VAL A 11 -14.79 4.58 -1.39
N GLU A 12 -14.39 5.29 -2.45
CA GLU A 12 -13.51 4.77 -3.49
C GLU A 12 -12.56 5.86 -3.94
N VAL A 13 -11.30 5.48 -4.21
CA VAL A 13 -10.33 6.41 -4.75
C VAL A 13 -10.86 6.99 -6.06
N ASP A 14 -10.65 8.29 -6.25
CA ASP A 14 -11.06 9.11 -7.40
C ASP A 14 -12.52 9.57 -7.31
N ARG A 15 -13.24 9.24 -6.23
N ARG A 15 -13.21 9.29 -6.20
CA ARG A 15 -14.64 9.56 -6.13
CA ARG A 15 -14.63 9.56 -6.05
C ARG A 15 -14.88 10.42 -4.90
C ARG A 15 -14.87 10.47 -4.85
N GLN A 16 -15.95 11.22 -4.96
N GLN A 16 -15.97 11.21 -4.91
CA GLN A 16 -16.37 12.05 -3.84
CA GLN A 16 -16.35 12.13 -3.83
C GLN A 16 -16.56 11.21 -2.58
C GLN A 16 -16.72 11.35 -2.57
N VAL A 17 -16.09 11.71 -1.44
CA VAL A 17 -16.44 11.06 -0.18
C VAL A 17 -17.82 11.55 0.27
N PRO A 18 -18.75 10.65 0.59
CA PRO A 18 -20.04 11.10 1.12
C PRO A 18 -19.89 11.93 2.39
N ASP A 19 -20.71 13.00 2.51
N ASP A 19 -20.77 12.93 2.50
CA ASP A 19 -20.62 13.88 3.66
CA ASP A 19 -20.82 13.75 3.70
C ASP A 19 -21.09 13.13 4.92
C ASP A 19 -20.96 12.89 4.94
N PHE A 20 -20.39 13.38 6.03
CA PHE A 20 -20.63 12.76 7.32
C PHE A 20 -20.44 13.80 8.42
N THR A 21 -21.03 13.51 9.59
CA THR A 21 -20.83 14.30 10.80
C THR A 21 -20.68 13.33 11.96
N ALA A 22 -19.78 13.61 12.89
CA ALA A 22 -19.53 12.65 13.97
C ALA A 22 -19.06 13.39 15.21
N PRO A 23 -19.27 12.80 16.39
CA PRO A 23 -18.77 13.42 17.62
C PRO A 23 -17.24 13.35 17.68
N ALA A 24 -16.64 14.38 18.26
CA ALA A 24 -15.19 14.43 18.34
C ALA A 24 -14.77 15.20 19.59
N THR A 25 -13.49 15.04 19.94
CA THR A 25 -12.90 15.91 20.95
C THR A 25 -13.11 17.36 20.53
N GLY A 26 -13.57 18.18 21.46
CA GLY A 26 -13.83 19.57 21.18
C GLY A 26 -15.14 19.88 20.48
N GLY A 27 -15.94 18.89 20.16
CA GLY A 27 -17.20 19.11 19.46
C GLY A 27 -17.25 18.37 18.13
N ASP A 28 -18.44 18.38 17.56
CA ASP A 28 -18.72 17.57 16.40
C ASP A 28 -18.01 18.12 15.17
N ILE A 29 -17.66 17.20 14.26
CA ILE A 29 -16.97 17.54 13.03
C ILE A 29 -17.77 16.99 11.86
N SER A 30 -17.98 17.83 10.84
CA SER A 30 -18.56 17.39 9.58
CA SER A 30 -18.55 17.38 9.58
C SER A 30 -17.48 17.43 8.50
N LEU A 31 -17.56 16.50 7.54
CA LEU A 31 -16.63 16.53 6.42
C LEU A 31 -16.68 17.88 5.72
N SER A 32 -17.86 18.49 5.65
CA SER A 32 -17.98 19.79 5.01
C SER A 32 -17.16 20.88 5.71
N ASP A 33 -16.91 20.74 7.02
CA ASP A 33 -16.02 21.66 7.73
C ASP A 33 -14.62 21.70 7.12
N LEU A 34 -14.20 20.64 6.43
CA LEU A 34 -12.85 20.48 5.93
C LEU A 34 -12.70 20.93 4.47
N LYS A 35 -13.78 21.35 3.83
CA LYS A 35 -13.70 21.86 2.47
C LYS A 35 -12.64 22.96 2.39
N GLY A 36 -11.81 22.89 1.34
CA GLY A 36 -10.73 23.85 1.17
C GLY A 36 -9.44 23.46 1.84
N ARG A 37 -9.44 22.37 2.61
CA ARG A 37 -8.23 21.83 3.23
CA ARG A 37 -8.23 21.84 3.23
C ARG A 37 -8.10 20.36 2.86
N LYS A 38 -6.87 19.89 2.79
CA LYS A 38 -6.66 18.46 2.72
C LYS A 38 -6.98 17.85 4.09
N LEU A 39 -7.48 16.62 4.07
CA LEU A 39 -7.82 15.88 5.29
C LEU A 39 -7.12 14.53 5.26
N VAL A 40 -6.30 14.28 6.27
CA VAL A 40 -5.78 12.95 6.58
C VAL A 40 -6.70 12.38 7.64
N LEU A 41 -7.52 11.40 7.27
CA LEU A 41 -8.43 10.75 8.20
C LEU A 41 -7.82 9.38 8.49
N TYR A 42 -7.29 9.19 9.70
CA TYR A 42 -6.58 7.96 10.02
C TYR A 42 -7.38 7.15 11.04
N PHE A 43 -7.67 5.89 10.69
CA PHE A 43 -8.38 4.97 11.58
C PHE A 43 -7.36 4.11 12.31
N TYR A 44 -7.53 4.01 13.63
CA TYR A 44 -6.62 3.21 14.45
C TYR A 44 -7.43 2.32 15.37
N PRO A 45 -6.96 1.10 15.67
CA PRO A 45 -7.81 0.14 16.39
C PRO A 45 -8.29 0.61 17.77
N LYS A 46 -7.42 1.16 18.62
CA LYS A 46 -7.83 1.34 20.02
C LYS A 46 -6.96 2.36 20.75
N ASP A 47 -7.61 3.30 21.44
CA ASP A 47 -6.89 4.20 22.33
C ASP A 47 -6.03 3.40 23.30
N ASN A 48 -4.83 3.91 23.57
CA ASN A 48 -3.93 3.46 24.63
C ASN A 48 -3.15 2.20 24.31
N THR A 49 -3.21 1.69 23.09
CA THR A 49 -2.38 0.54 22.75
C THR A 49 -1.06 1.03 22.19
N PRO A 50 -0.04 0.17 22.15
CA PRO A 50 1.30 0.63 21.70
C PRO A 50 1.33 1.20 20.29
N GLY A 51 0.76 0.49 19.32
CA GLY A 51 0.84 0.95 17.94
C GLY A 51 0.04 2.23 17.72
N CYS A 52 -1.14 2.31 18.34
CA CYS A 52 -1.97 3.51 18.18
C CYS A 52 -1.37 4.71 18.89
N THR A 53 -0.64 4.48 19.99
CA THR A 53 0.07 5.55 20.65
C THR A 53 1.22 6.06 19.77
N THR A 54 2.02 5.14 19.23
CA THR A 54 3.11 5.57 18.34
C THR A 54 2.57 6.33 17.13
N GLU A 55 1.51 5.82 16.50
CA GLU A 55 0.93 6.50 15.35
C GLU A 55 0.50 7.92 15.69
N GLY A 56 -0.22 8.08 16.80
CA GLY A 56 -0.63 9.40 17.22
C GLY A 56 0.53 10.34 17.50
N LEU A 57 1.57 9.83 18.19
CA LEU A 57 2.75 10.64 18.49
C LEU A 57 3.51 11.03 17.23
N GLN A 58 3.52 10.15 16.21
CA GLN A 58 4.25 10.48 14.99
C GLN A 58 3.50 11.50 14.15
N PHE A 59 2.16 11.40 14.11
CA PHE A 59 1.39 12.48 13.49
C PHE A 59 1.58 13.79 14.24
N ARG A 60 1.65 13.73 15.58
CA ARG A 60 1.88 14.95 16.35
CA ARG A 60 1.90 14.94 16.37
C ARG A 60 3.24 15.58 16.00
N GLU A 61 4.29 14.76 15.91
CA GLU A 61 5.63 15.28 15.67
C GLU A 61 5.71 16.02 14.34
N LEU A 62 5.02 15.51 13.32
CA LEU A 62 5.04 16.12 12.00
C LEU A 62 3.87 17.05 11.73
N TYR A 63 3.00 17.27 12.71
CA TYR A 63 1.81 18.11 12.53
C TYR A 63 2.10 19.47 11.90
N PRO A 64 3.13 20.22 12.31
CA PRO A 64 3.37 21.52 11.67
C PRO A 64 3.62 21.40 10.19
N LYS A 65 4.25 20.31 9.75
CA LYS A 65 4.49 20.14 8.32
C LYS A 65 3.20 19.82 7.56
N PHE A 66 2.32 19.01 8.17
CA PHE A 66 1.01 18.79 7.57
C PHE A 66 0.25 20.11 7.42
N LYS A 67 0.25 20.92 8.49
CA LYS A 67 -0.45 22.20 8.44
C LYS A 67 0.14 23.10 7.37
N LYS A 68 1.47 23.18 7.29
CA LYS A 68 2.10 24.02 6.28
C LYS A 68 1.69 23.59 4.88
N ALA A 69 1.49 22.29 4.68
CA ALA A 69 1.09 21.76 3.39
C ALA A 69 -0.42 21.83 3.17
N GLY A 70 -1.17 22.49 4.05
CA GLY A 70 -2.58 22.70 3.82
C GLY A 70 -3.49 21.58 4.29
N ALA A 71 -3.01 20.74 5.20
CA ALA A 71 -3.76 19.57 5.63
C ALA A 71 -4.12 19.65 7.11
N GLU A 72 -5.23 18.99 7.45
CA GLU A 72 -5.61 18.70 8.81
C GLU A 72 -5.52 17.19 9.04
N ILE A 73 -5.26 16.79 10.28
N ILE A 73 -5.31 16.79 10.29
CA ILE A 73 -5.25 15.40 10.71
CA ILE A 73 -5.27 15.39 10.70
C ILE A 73 -6.47 15.18 11.60
C ILE A 73 -6.43 15.15 11.64
N ILE A 74 -7.17 14.06 11.41
CA ILE A 74 -8.21 13.61 12.33
C ILE A 74 -8.03 12.11 12.54
N GLY A 75 -7.87 11.68 13.80
CA GLY A 75 -7.84 10.26 14.13
C GLY A 75 -9.24 9.75 14.44
N VAL A 76 -9.50 8.48 14.09
CA VAL A 76 -10.81 7.85 14.30
C VAL A 76 -10.61 6.49 14.96
N SER A 77 -11.29 6.26 16.07
CA SER A 77 -11.50 4.91 16.58
C SER A 77 -12.91 4.84 17.14
N ARG A 78 -13.32 3.65 17.58
CA ARG A 78 -14.66 3.49 18.15
C ARG A 78 -14.71 3.79 19.65
N ASP A 79 -13.58 4.15 20.26
CA ASP A 79 -13.56 4.48 21.68
C ASP A 79 -14.47 5.67 22.00
N SER A 80 -14.88 5.76 23.27
CA SER A 80 -15.72 6.83 23.76
C SER A 80 -15.02 8.19 23.69
N LEU A 81 -15.83 9.26 23.74
CA LEU A 81 -15.28 10.60 23.86
C LEU A 81 -14.44 10.75 25.12
N ARG A 82 -14.88 10.14 26.23
CA ARG A 82 -14.09 10.20 27.47
C ARG A 82 -12.71 9.59 27.25
N SER A 83 -12.66 8.40 26.63
CA SER A 83 -11.38 7.79 26.34
C SER A 83 -10.54 8.70 25.45
N HIS A 84 -11.17 9.26 24.41
CA HIS A 84 -10.44 10.14 23.51
C HIS A 84 -9.89 11.37 24.23
N ASP A 85 -10.69 11.98 25.12
CA ASP A 85 -10.18 13.14 25.85
C ASP A 85 -8.93 12.77 26.64
N ASN A 86 -8.96 11.61 27.31
CA ASN A 86 -7.81 11.16 28.08
C ASN A 86 -6.62 10.86 27.20
N PHE A 87 -6.84 10.18 26.08
CA PHE A 87 -5.77 9.78 25.19
C PHE A 87 -5.14 11.00 24.53
N LYS A 88 -5.98 11.93 24.06
CA LYS A 88 -5.47 13.19 23.49
C LYS A 88 -4.65 13.97 24.51
N ALA A 89 -5.12 14.03 25.76
CA ALA A 89 -4.37 14.74 26.80
C ALA A 89 -3.04 14.04 27.11
N LYS A 90 -3.05 12.72 27.22
CA LYS A 90 -1.84 11.98 27.55
C LYS A 90 -0.75 12.19 26.49
N LEU A 91 -1.13 12.19 25.22
CA LEU A 91 -0.19 12.34 24.13
CA LEU A 91 -0.18 12.34 24.13
C LEU A 91 -0.01 13.79 23.68
N GLU A 92 -0.78 14.71 24.26
CA GLU A 92 -0.72 16.12 23.87
CA GLU A 92 -0.73 16.11 23.88
C GLU A 92 -0.94 16.28 22.37
N LEU A 93 -1.95 15.60 21.86
CA LEU A 93 -2.20 15.64 20.40
C LEU A 93 -2.76 17.01 20.01
N PRO A 94 -2.26 17.61 18.94
CA PRO A 94 -2.74 18.93 18.52
C PRO A 94 -3.89 18.88 17.51
N PHE A 95 -4.53 17.74 17.36
CA PHE A 95 -5.54 17.52 16.35
C PHE A 95 -6.67 16.73 16.98
N PRO A 96 -7.84 16.71 16.36
CA PRO A 96 -9.02 16.07 16.99
C PRO A 96 -9.05 14.56 16.80
N LEU A 97 -9.81 13.90 17.68
CA LEU A 97 -10.14 12.48 17.56
C LEU A 97 -11.65 12.33 17.48
N ILE A 98 -12.14 11.66 16.43
CA ILE A 98 -13.56 11.36 16.28
C ILE A 98 -13.89 10.08 17.06
N SER A 99 -14.97 10.13 17.83
CA SER A 99 -15.51 8.94 18.49
C SER A 99 -16.54 8.29 17.57
N ASP A 100 -16.15 7.20 16.93
CA ASP A 100 -17.03 6.48 16.01
C ASP A 100 -17.66 5.28 16.72
N ALA A 101 -18.17 5.53 17.93
CA ALA A 101 -18.75 4.46 18.73
C ALA A 101 -19.87 3.71 18.01
N ASP A 102 -20.62 4.39 17.13
CA ASP A 102 -21.73 3.76 16.43
C ASP A 102 -21.34 3.20 15.05
N GLU A 103 -20.05 3.26 14.71
CA GLU A 103 -19.44 2.65 13.52
C GLU A 103 -19.87 3.29 12.20
N ALA A 104 -20.51 4.45 12.23
CA ALA A 104 -20.90 5.10 10.96
C ALA A 104 -19.69 5.30 10.04
N LEU A 105 -18.59 5.86 10.55
CA LEU A 105 -17.44 6.10 9.68
CA LEU A 105 -17.44 6.10 9.68
C LEU A 105 -16.71 4.82 9.34
N CYS A 106 -16.63 3.88 10.30
CA CYS A 106 -15.96 2.62 10.00
C CYS A 106 -16.67 1.86 8.89
N ALA A 107 -18.00 1.96 8.87
CA ALA A 107 -18.78 1.34 7.81
C ALA A 107 -18.57 2.07 6.49
N LEU A 108 -18.61 3.41 6.52
CA LEU A 108 -18.45 4.21 5.31
C LEU A 108 -17.08 3.96 4.65
N PHE A 109 -16.03 3.87 5.44
CA PHE A 109 -14.67 3.66 4.94
C PHE A 109 -14.29 2.20 4.84
N ASP A 110 -15.18 1.31 5.29
CA ASP A 110 -15.03 -0.14 5.09
C ASP A 110 -13.78 -0.68 5.77
N VAL A 111 -13.57 -0.30 7.04
CA VAL A 111 -12.39 -0.71 7.79
C VAL A 111 -12.66 -1.81 8.81
N ILE A 112 -13.89 -2.27 8.95
CA ILE A 112 -14.17 -3.31 9.94
C ILE A 112 -13.59 -4.63 9.45
N LYS A 113 -12.96 -5.37 10.36
CA LYS A 113 -12.42 -6.69 10.03
C LYS A 113 -12.66 -7.61 11.21
N MET A 114 -13.26 -8.77 10.96
CA MET A 114 -13.46 -9.76 12.02
C MET A 114 -12.18 -10.55 12.24
N LYS A 115 -11.84 -10.77 13.50
CA LYS A 115 -10.64 -11.53 13.87
C LYS A 115 -11.05 -12.72 14.73
N LYS A 116 -10.47 -13.88 14.46
CA LYS A 116 -10.81 -15.10 15.20
C LYS A 116 -9.83 -15.26 16.36
N MET A 117 -10.35 -15.26 17.59
CA MET A 117 -9.56 -15.50 18.79
C MET A 117 -10.18 -16.69 19.50
N TYR A 118 -9.49 -17.83 19.48
N TYR A 118 -9.43 -17.79 19.53
CA TYR A 118 -9.94 -19.03 20.23
CA TYR A 118 -9.88 -19.07 20.07
C TYR A 118 -11.38 -19.44 19.87
C TYR A 118 -11.17 -19.44 19.32
N GLY A 119 -11.67 -19.51 18.57
N GLY A 119 -12.27 -19.71 19.99
CA GLY A 119 -13.00 -19.88 18.14
CA GLY A 119 -13.47 -20.08 19.27
C GLY A 119 -14.06 -18.82 18.26
C GLY A 119 -14.31 -18.89 18.85
N LYS A 120 -13.75 -17.68 18.89
CA LYS A 120 -14.59 -16.49 18.89
C LYS A 120 -14.17 -15.49 17.81
N GLU A 121 -15.17 -14.83 17.23
CA GLU A 121 -14.93 -13.77 16.27
C GLU A 121 -15.03 -12.44 17.00
N VAL A 122 -14.06 -11.57 16.76
CA VAL A 122 -13.99 -10.27 17.41
C VAL A 122 -14.07 -9.20 16.32
N ARG A 123 -14.90 -8.18 16.56
CA ARG A 123 -15.12 -7.11 15.59
C ARG A 123 -14.05 -6.04 15.78
N GLY A 124 -13.08 -5.96 14.85
CA GLY A 124 -11.98 -5.03 14.94
C GLY A 124 -11.95 -4.00 13.80
N ILE A 125 -11.07 -3.02 13.97
CA ILE A 125 -10.72 -2.02 12.95
C ILE A 125 -9.39 -2.44 12.34
N GLU A 126 -9.31 -2.44 11.01
CA GLU A 126 -8.05 -2.57 10.30
C GLU A 126 -7.41 -1.18 10.21
N ARG A 127 -6.21 -1.02 10.79
CA ARG A 127 -5.51 0.27 10.75
C ARG A 127 -5.38 0.75 9.31
N SER A 128 -5.96 1.91 9.01
CA SER A 128 -6.09 2.38 7.63
C SER A 128 -6.12 3.90 7.65
N THR A 129 -5.65 4.52 6.57
CA THR A 129 -5.59 5.97 6.44
C THR A 129 -6.12 6.38 5.09
N PHE A 130 -6.74 7.55 5.03
CA PHE A 130 -7.37 8.08 3.83
C PHE A 130 -6.97 9.53 3.67
N LEU A 131 -6.49 9.88 2.49
CA LEU A 131 -6.11 11.24 2.13
C LEU A 131 -7.20 11.79 1.21
N ILE A 132 -7.92 12.78 1.71
CA ILE A 132 -9.03 13.43 1.01
C ILE A 132 -8.57 14.83 0.67
N ASP A 133 -8.77 15.27 -0.57
CA ASP A 133 -8.27 16.59 -0.97
C ASP A 133 -9.23 17.70 -0.57
N ALA A 134 -8.84 18.94 -0.89
CA ALA A 134 -9.63 20.12 -0.55
C ALA A 134 -11.00 20.11 -1.24
N ASP A 135 -11.14 19.33 -2.31
CA ASP A 135 -12.40 19.22 -3.05
C ASP A 135 -13.30 18.11 -2.50
N GLY A 136 -12.86 17.38 -1.47
CA GLY A 136 -13.65 16.30 -0.91
C GLY A 136 -13.54 14.97 -1.62
N VAL A 137 -12.53 14.79 -2.47
CA VAL A 137 -12.35 13.56 -3.22
C VAL A 137 -11.30 12.69 -2.55
N LEU A 138 -11.56 11.38 -2.48
CA LEU A 138 -10.57 10.46 -1.92
C LEU A 138 -9.43 10.27 -2.91
N ARG A 139 -8.22 10.64 -2.50
CA ARG A 139 -7.06 10.61 -3.40
C ARG A 139 -6.19 9.40 -3.18
N GLN A 140 -6.13 8.89 -1.95
CA GLN A 140 -5.28 7.74 -1.68
C GLN A 140 -5.80 7.04 -0.42
N ALA A 141 -5.70 5.71 -0.43
CA ALA A 141 -6.03 4.88 0.72
C ALA A 141 -4.83 4.01 1.05
N TRP A 142 -4.62 3.78 2.34
CA TRP A 142 -3.63 2.83 2.82
C TRP A 142 -4.37 1.90 3.78
N ARG A 143 -4.56 0.63 3.40
CA ARG A 143 -5.38 -0.26 4.22
C ARG A 143 -4.52 -1.31 4.92
N GLY A 144 -4.77 -1.52 6.21
CA GLY A 144 -4.02 -2.56 6.91
C GLY A 144 -2.53 -2.28 6.95
N ILE A 145 -2.15 -1.02 7.08
CA ILE A 145 -0.73 -0.72 7.07
C ILE A 145 -0.11 -0.89 8.46
N LYS A 146 1.21 -1.07 8.46
CA LYS A 146 1.95 -1.04 9.70
C LYS A 146 2.31 0.40 10.03
N VAL A 147 2.60 0.67 11.31
CA VAL A 147 2.89 2.05 11.71
C VAL A 147 4.25 2.54 11.19
N PRO A 148 5.35 1.78 11.31
CA PRO A 148 6.65 2.33 10.90
C PRO A 148 6.66 2.82 9.45
N GLY A 149 7.11 4.06 9.26
CA GLY A 149 7.19 4.66 7.94
C GLY A 149 5.90 5.29 7.45
N HIS A 150 4.77 5.01 8.11
CA HIS A 150 3.47 5.38 7.56
C HIS A 150 3.23 6.90 7.58
N VAL A 151 3.48 7.57 8.70
CA VAL A 151 3.26 9.02 8.74
C VAL A 151 4.15 9.72 7.71
N ASP A 152 5.39 9.26 7.55
CA ASP A 152 6.27 9.83 6.53
C ASP A 152 5.65 9.71 5.14
N ASP A 153 5.10 8.52 4.83
CA ASP A 153 4.47 8.29 3.53
C ASP A 153 3.26 9.20 3.36
N VAL A 154 2.43 9.35 4.39
CA VAL A 154 1.26 10.20 4.27
C VAL A 154 1.68 11.65 4.07
N LEU A 155 2.71 12.11 4.78
CA LEU A 155 3.15 13.49 4.59
C LEU A 155 3.66 13.71 3.17
N SER A 156 4.44 12.77 2.64
N SER A 156 4.41 12.75 2.63
CA SER A 156 4.90 12.89 1.27
CA SER A 156 4.91 12.88 1.27
C SER A 156 3.72 13.00 0.31
C SER A 156 3.75 12.94 0.27
N ALA A 157 2.68 12.17 0.52
CA ALA A 157 1.52 12.22 -0.36
C ALA A 157 0.80 13.56 -0.25
N VAL A 158 0.63 14.07 0.97
CA VAL A 158 0.02 15.38 1.18
C VAL A 158 0.79 16.46 0.43
N GLN A 159 2.13 16.42 0.54
CA GLN A 159 2.94 17.47 -0.07
C GLN A 159 2.89 17.41 -1.59
N ALA A 160 2.69 16.24 -2.17
CA ALA A 160 2.71 16.08 -3.61
C ALA A 160 1.36 16.32 -4.27
N LEU A 161 0.29 16.51 -3.51
CA LEU A 161 -1.02 16.71 -4.13
C LEU A 161 -1.03 17.98 -5.00
N MET B 9 14.24 5.54 0.89
CA MET B 9 13.38 4.53 1.50
C MET B 9 13.21 3.33 0.58
N SER B 10 13.30 2.13 1.15
CA SER B 10 13.13 0.89 0.42
C SER B 10 11.81 0.24 0.82
N VAL B 11 11.44 -0.79 0.10
CA VAL B 11 10.11 -1.35 0.23
C VAL B 11 9.99 -2.23 1.47
N GLU B 12 8.81 -2.17 2.10
CA GLU B 12 8.54 -2.95 3.29
C GLU B 12 7.11 -3.47 3.22
N VAL B 13 6.91 -4.68 3.75
CA VAL B 13 5.57 -5.25 3.80
C VAL B 13 4.68 -4.41 4.69
N ASP B 14 3.44 -4.22 4.24
CA ASP B 14 2.43 -3.40 4.92
C ASP B 14 2.78 -1.92 4.92
N ARG B 15 3.57 -1.51 3.93
CA ARG B 15 3.93 -0.11 3.72
C ARG B 15 3.77 0.25 2.23
N GLN B 16 3.36 1.49 1.97
CA GLN B 16 3.26 1.97 0.59
C GLN B 16 4.59 1.82 -0.16
N VAL B 17 4.51 1.31 -1.38
CA VAL B 17 5.70 1.26 -2.27
C VAL B 17 5.91 2.62 -2.91
N PRO B 18 7.12 3.19 -2.88
CA PRO B 18 7.37 4.45 -3.60
C PRO B 18 7.13 4.29 -5.10
N ASP B 19 6.61 5.36 -5.73
CA ASP B 19 6.37 5.31 -7.16
C ASP B 19 7.69 5.15 -7.91
N PHE B 20 7.62 4.51 -9.06
CA PHE B 20 8.80 4.33 -9.90
C PHE B 20 8.35 4.29 -11.35
N THR B 21 9.29 4.54 -12.27
CA THR B 21 9.09 4.37 -13.70
C THR B 21 10.33 3.70 -14.27
N ALA B 22 10.14 2.75 -15.19
CA ALA B 22 11.29 2.06 -15.75
C ALA B 22 10.98 1.61 -17.17
N PRO B 23 12.01 1.41 -18.00
CA PRO B 23 11.78 0.94 -19.37
C PRO B 23 11.33 -0.51 -19.36
N ALA B 24 10.51 -0.87 -20.35
CA ALA B 24 10.01 -2.24 -20.40
C ALA B 24 9.68 -2.60 -21.83
N THR B 25 9.55 -3.91 -22.07
CA THR B 25 9.05 -4.38 -23.35
C THR B 25 7.67 -3.76 -23.55
N GLY B 26 7.40 -3.24 -24.74
CA GLY B 26 6.11 -2.62 -24.94
C GLY B 26 5.99 -1.18 -24.48
N GLY B 27 7.01 -0.65 -23.81
CA GLY B 27 7.02 0.75 -23.38
C GLY B 27 7.24 0.92 -21.90
N ASP B 28 7.57 2.14 -21.48
CA ASP B 28 7.83 2.42 -20.05
C ASP B 28 6.63 2.06 -19.20
N ILE B 29 6.91 1.62 -17.98
CA ILE B 29 5.87 1.30 -17.00
C ILE B 29 6.12 2.11 -15.74
N SER B 30 5.07 2.73 -15.22
CA SER B 30 5.11 3.39 -13.92
CA SER B 30 5.11 3.40 -13.94
C SER B 30 4.23 2.63 -12.95
N LEU B 31 4.65 2.61 -11.67
CA LEU B 31 3.82 1.95 -10.67
C LEU B 31 2.41 2.54 -10.66
N SER B 32 2.28 3.85 -10.87
CA SER B 32 0.97 4.47 -10.91
C SER B 32 0.07 3.89 -12.01
N ASP B 33 0.66 3.31 -13.07
CA ASP B 33 -0.13 2.68 -14.12
C ASP B 33 -0.93 1.50 -13.60
N LEU B 34 -0.49 0.88 -12.51
CA LEU B 34 -1.13 -0.31 -11.96
C LEU B 34 -2.16 0.02 -10.89
N LYS B 35 -2.35 1.31 -10.57
CA LYS B 35 -3.36 1.67 -9.58
CA LYS B 35 -3.35 1.64 -9.57
C LYS B 35 -4.71 1.07 -9.95
N GLY B 36 -5.39 0.48 -8.96
CA GLY B 36 -6.66 -0.19 -9.19
C GLY B 36 -6.55 -1.68 -9.48
N ARG B 37 -5.34 -2.20 -9.67
CA ARG B 37 -5.11 -3.62 -9.91
CA ARG B 37 -5.10 -3.61 -9.93
C ARG B 37 -4.04 -4.12 -8.97
N LYS B 38 -4.02 -5.43 -8.75
CA LYS B 38 -2.90 -6.04 -8.05
C LYS B 38 -1.73 -6.18 -9.00
N LEU B 39 -0.51 -6.17 -8.43
CA LEU B 39 0.71 -6.33 -9.22
C LEU B 39 1.58 -7.39 -8.58
N VAL B 40 1.98 -8.38 -9.36
CA VAL B 40 3.06 -9.29 -8.98
C VAL B 40 4.28 -8.82 -9.76
N LEU B 41 5.27 -8.29 -9.05
CA LEU B 41 6.52 -7.79 -9.64
C LEU B 41 7.58 -8.81 -9.24
N TYR B 42 8.08 -9.55 -10.21
CA TYR B 42 9.04 -10.62 -9.91
C TYR B 42 10.41 -10.30 -10.49
N PHE B 43 11.43 -10.32 -9.64
CA PHE B 43 12.82 -10.10 -10.03
C PHE B 43 13.51 -11.43 -10.24
N TYR B 44 14.26 -11.57 -11.32
CA TYR B 44 14.93 -12.82 -11.63
C TYR B 44 16.37 -12.54 -12.04
N PRO B 45 17.31 -13.43 -11.70
CA PRO B 45 18.74 -13.13 -11.94
C PRO B 45 19.09 -12.65 -13.33
N LYS B 46 18.66 -13.33 -14.39
CA LYS B 46 19.01 -12.88 -15.74
C LYS B 46 18.32 -13.71 -16.81
N ASP B 47 18.08 -13.03 -17.94
CA ASP B 47 17.51 -13.69 -19.12
C ASP B 47 18.36 -14.91 -19.49
N ASN B 48 17.69 -15.97 -19.95
CA ASN B 48 18.34 -17.14 -20.55
C ASN B 48 19.11 -17.98 -19.55
N THR B 49 18.62 -18.11 -18.34
CA THR B 49 19.11 -19.15 -17.46
C THR B 49 18.00 -20.15 -17.24
N PRO B 50 18.33 -21.39 -16.89
CA PRO B 50 17.28 -22.40 -16.70
C PRO B 50 16.22 -22.00 -15.67
N GLY B 51 16.66 -21.52 -14.50
CA GLY B 51 15.71 -21.16 -13.46
C GLY B 51 14.81 -20.01 -13.86
N CYS B 52 15.38 -18.99 -14.52
CA CYS B 52 14.56 -17.83 -14.90
C CYS B 52 13.63 -18.18 -16.05
N THR B 53 14.05 -19.10 -16.92
CA THR B 53 13.17 -19.61 -17.97
C THR B 53 11.99 -20.37 -17.37
N THR B 54 12.27 -21.28 -16.43
CA THR B 54 11.19 -22.02 -15.76
C THR B 54 10.23 -21.08 -15.05
N GLU B 55 10.77 -20.09 -14.33
CA GLU B 55 9.89 -19.18 -13.61
C GLU B 55 8.99 -18.40 -14.57
N GLY B 56 9.57 -17.84 -15.64
CA GLY B 56 8.76 -17.12 -16.61
C GLY B 56 7.71 -18.01 -17.24
N LEU B 57 8.08 -19.26 -17.58
CA LEU B 57 7.11 -20.18 -18.18
C LEU B 57 5.98 -20.54 -17.22
N GLN B 58 6.26 -20.57 -15.91
CA GLN B 58 5.22 -20.88 -14.95
C GLN B 58 4.25 -19.71 -14.78
N PHE B 59 4.78 -18.48 -14.77
CA PHE B 59 3.90 -17.32 -14.77
C PHE B 59 3.07 -17.29 -16.05
N ARG B 60 3.67 -17.65 -17.18
CA ARG B 60 2.91 -17.75 -18.43
C ARG B 60 1.77 -18.76 -18.31
N GLU B 61 2.08 -19.96 -17.82
CA GLU B 61 1.08 -21.03 -17.75
C GLU B 61 -0.09 -20.64 -16.86
N LEU B 62 0.20 -19.96 -15.75
CA LEU B 62 -0.82 -19.59 -14.78
C LEU B 62 -1.41 -18.21 -15.03
N TYR B 63 -1.00 -17.55 -16.12
CA TYR B 63 -1.41 -16.17 -16.38
C TYR B 63 -2.91 -15.94 -16.32
N PRO B 64 -3.76 -16.75 -16.97
CA PRO B 64 -5.21 -16.48 -16.88
C PRO B 64 -5.74 -16.55 -15.46
N LYS B 65 -5.13 -17.38 -14.60
CA LYS B 65 -5.57 -17.45 -13.21
C LYS B 65 -5.16 -16.21 -12.43
N PHE B 66 -3.94 -15.69 -12.67
CA PHE B 66 -3.53 -14.43 -12.06
C PHE B 66 -4.44 -13.30 -12.52
N LYS B 67 -4.71 -13.24 -13.82
CA LYS B 67 -5.52 -12.14 -14.35
C LYS B 67 -6.93 -12.18 -13.79
N LYS B 68 -7.53 -13.39 -13.67
CA LYS B 68 -8.89 -13.49 -13.15
CA LYS B 68 -8.88 -13.47 -13.15
C LYS B 68 -8.95 -13.03 -11.70
N ALA B 69 -7.89 -13.30 -10.93
CA ALA B 69 -7.80 -12.86 -9.55
C ALA B 69 -7.44 -11.40 -9.44
N GLY B 70 -7.34 -10.67 -10.56
CA GLY B 70 -7.15 -9.23 -10.51
C GLY B 70 -5.72 -8.74 -10.55
N ALA B 71 -4.75 -9.58 -10.91
CA ALA B 71 -3.35 -9.21 -10.89
C ALA B 71 -2.75 -9.14 -12.29
N GLU B 72 -1.79 -8.23 -12.43
N GLU B 72 -1.84 -8.19 -12.47
CA GLU B 72 -0.88 -8.15 -13.56
CA GLU B 72 -0.90 -8.19 -13.57
C GLU B 72 0.49 -8.67 -13.14
C GLU B 72 0.40 -8.82 -13.11
N ILE B 73 1.19 -9.31 -14.08
CA ILE B 73 2.53 -9.84 -13.86
CA ILE B 73 2.53 -9.83 -13.84
C ILE B 73 3.53 -8.95 -14.59
N ILE B 74 4.62 -8.57 -13.91
CA ILE B 74 5.75 -7.91 -14.56
C ILE B 74 7.02 -8.56 -14.05
N GLY B 75 7.89 -9.01 -14.97
CA GLY B 75 9.21 -9.50 -14.60
C GLY B 75 10.25 -8.41 -14.71
N VAL B 76 11.34 -8.54 -13.92
CA VAL B 76 12.41 -7.54 -13.87
C VAL B 76 13.76 -8.25 -13.84
N SER B 77 14.66 -7.82 -14.73
CA SER B 77 16.08 -8.10 -14.56
C SER B 77 16.86 -6.91 -15.09
N ARG B 78 18.18 -6.98 -15.01
CA ARG B 78 19.04 -5.91 -15.48
C ARG B 78 19.40 -6.03 -16.96
N ASP B 79 18.90 -7.05 -17.66
CA ASP B 79 19.18 -7.24 -19.08
C ASP B 79 18.58 -6.11 -19.89
N SER B 80 19.12 -5.91 -21.09
CA SER B 80 18.68 -4.85 -21.98
C SER B 80 17.28 -5.13 -22.53
N LEU B 81 16.66 -4.10 -23.11
CA LEU B 81 15.39 -4.30 -23.80
C LEU B 81 15.52 -5.28 -24.95
N ARG B 82 16.61 -5.21 -25.72
CA ARG B 82 16.79 -6.16 -26.81
CA ARG B 82 16.79 -6.16 -26.81
C ARG B 82 16.78 -7.60 -26.30
N SER B 83 17.52 -7.86 -25.22
CA SER B 83 17.50 -9.20 -24.65
C SER B 83 16.11 -9.60 -24.18
N HIS B 84 15.41 -8.68 -23.50
CA HIS B 84 14.05 -8.96 -23.02
C HIS B 84 13.11 -9.26 -24.20
N ASP B 85 13.23 -8.50 -25.30
CA ASP B 85 12.37 -8.74 -26.44
C ASP B 85 12.54 -10.17 -26.96
N ASN B 86 13.80 -10.63 -27.06
CA ASN B 86 14.06 -11.98 -27.53
C ASN B 86 13.60 -13.04 -26.53
N PHE B 87 13.91 -12.83 -25.25
CA PHE B 87 13.52 -13.80 -24.23
C PHE B 87 11.99 -13.94 -24.15
N LYS B 88 11.29 -12.79 -24.19
CA LYS B 88 9.83 -12.80 -24.18
C LYS B 88 9.26 -13.52 -25.40
N ALA B 89 9.83 -13.26 -26.59
CA ALA B 89 9.37 -13.94 -27.79
C ALA B 89 9.65 -15.44 -27.73
N LYS B 90 10.86 -15.79 -27.28
CA LYS B 90 11.23 -17.20 -27.21
C LYS B 90 10.27 -18.00 -26.34
N LEU B 91 9.93 -17.46 -25.17
CA LEU B 91 9.05 -18.14 -24.22
CA LEU B 91 9.06 -18.12 -24.21
C LEU B 91 7.58 -17.81 -24.42
N GLU B 92 7.25 -16.94 -25.37
CA GLU B 92 5.88 -16.50 -25.63
C GLU B 92 5.23 -15.97 -24.35
N LEU B 93 5.96 -15.14 -23.63
CA LEU B 93 5.43 -14.58 -22.38
C LEU B 93 4.34 -13.57 -22.69
N PRO B 94 3.19 -13.63 -22.01
CA PRO B 94 2.10 -12.68 -22.28
C PRO B 94 2.12 -11.42 -21.41
N PHE B 95 3.20 -11.14 -20.71
CA PHE B 95 3.31 -10.01 -19.79
C PHE B 95 4.61 -9.30 -20.06
N PRO B 96 4.79 -8.08 -19.56
CA PRO B 96 6.00 -7.29 -19.88
C PRO B 96 7.18 -7.66 -18.99
N LEU B 97 8.37 -7.33 -19.49
CA LEU B 97 9.61 -7.41 -18.74
C LEU B 97 10.25 -6.03 -18.67
N ILE B 98 10.56 -5.59 -17.45
CA ILE B 98 11.25 -4.32 -17.22
C ILE B 98 12.75 -4.54 -17.36
N SER B 99 13.39 -3.63 -18.10
CA SER B 99 14.84 -3.59 -18.24
C SER B 99 15.37 -2.62 -17.21
N ASP B 100 16.04 -3.15 -16.18
CA ASP B 100 16.57 -2.35 -15.08
C ASP B 100 18.10 -2.26 -15.16
N ALA B 101 18.63 -1.89 -16.33
CA ALA B 101 20.07 -1.90 -16.53
C ALA B 101 20.80 -0.96 -15.57
N ASP B 102 20.18 0.15 -15.18
CA ASP B 102 20.80 1.07 -14.25
C ASP B 102 20.58 0.70 -12.78
N GLU B 103 19.90 -0.42 -12.52
CA GLU B 103 19.69 -0.98 -11.19
C GLU B 103 18.80 -0.11 -10.29
N ALA B 104 18.10 0.87 -10.84
CA ALA B 104 17.26 1.74 -10.03
C ALA B 104 16.16 0.94 -9.32
N LEU B 105 15.47 0.06 -10.05
CA LEU B 105 14.38 -0.70 -9.43
CA LEU B 105 14.39 -0.70 -9.43
C LEU B 105 14.94 -1.74 -8.47
N CYS B 106 16.07 -2.37 -8.83
CA CYS B 106 16.66 -3.38 -7.96
C CYS B 106 17.11 -2.75 -6.64
N ALA B 107 17.62 -1.53 -6.69
CA ALA B 107 18.00 -0.82 -5.45
C ALA B 107 16.76 -0.47 -4.63
N LEU B 108 15.70 0.02 -5.29
CA LEU B 108 14.46 0.36 -4.58
C LEU B 108 13.91 -0.84 -3.83
N PHE B 109 13.90 -2.01 -4.48
CA PHE B 109 13.37 -3.23 -3.88
C PHE B 109 14.41 -4.00 -3.08
N ASP B 110 15.66 -3.52 -3.09
CA ASP B 110 16.74 -4.06 -2.28
C ASP B 110 17.03 -5.53 -2.59
N VAL B 111 17.08 -5.86 -3.90
CA VAL B 111 17.29 -7.25 -4.33
C VAL B 111 18.72 -7.57 -4.74
N ILE B 112 19.62 -6.58 -4.77
CA ILE B 112 21.02 -6.85 -5.12
C ILE B 112 21.73 -7.34 -3.86
N LYS B 113 22.35 -8.51 -3.94
CA LYS B 113 23.13 -9.04 -2.83
C LYS B 113 24.57 -9.23 -3.30
N MET B 114 25.50 -9.02 -2.38
CA MET B 114 26.92 -9.13 -2.66
C MET B 114 27.51 -10.32 -1.90
N LYS B 115 28.49 -10.96 -2.52
CA LYS B 115 29.34 -11.93 -1.87
C LYS B 115 30.78 -11.63 -2.26
N LYS B 116 31.68 -11.64 -1.27
CA LYS B 116 33.09 -11.45 -1.53
C LYS B 116 33.64 -12.73 -2.14
N MET B 117 34.10 -12.65 -3.39
CA MET B 117 34.69 -13.80 -4.06
C MET B 117 35.94 -13.38 -4.80
N TYR B 118 37.03 -14.12 -4.61
CA TYR B 118 38.31 -13.86 -5.25
C TYR B 118 38.86 -12.48 -4.89
N GLY B 119 38.57 -12.02 -3.67
CA GLY B 119 39.07 -10.75 -3.19
C GLY B 119 38.35 -9.53 -3.70
N LYS B 120 37.21 -9.71 -4.37
CA LYS B 120 36.45 -8.59 -4.92
C LYS B 120 34.96 -8.83 -4.65
N GLU B 121 34.16 -7.81 -4.96
CA GLU B 121 32.73 -7.82 -4.67
C GLU B 121 31.97 -8.39 -5.87
N VAL B 122 31.40 -9.58 -5.69
CA VAL B 122 30.56 -10.22 -6.71
C VAL B 122 29.10 -9.98 -6.32
N ARG B 123 28.28 -9.56 -7.29
CA ARG B 123 26.94 -9.11 -6.97
C ARG B 123 25.96 -9.61 -8.02
N GLY B 124 24.70 -9.68 -7.62
CA GLY B 124 23.66 -10.13 -8.53
C GLY B 124 22.30 -10.01 -7.87
N ILE B 125 21.27 -10.19 -8.70
CA ILE B 125 19.90 -10.18 -8.21
C ILE B 125 19.65 -11.45 -7.41
N GLU B 126 19.12 -11.28 -6.20
CA GLU B 126 18.51 -12.38 -5.44
C GLU B 126 17.08 -12.53 -5.96
N ARG B 127 16.74 -13.71 -6.48
CA ARG B 127 15.39 -13.97 -6.99
C ARG B 127 14.39 -13.63 -5.92
N SER B 128 13.45 -12.73 -6.25
CA SER B 128 12.53 -12.16 -5.26
C SER B 128 11.23 -11.77 -5.94
N THR B 129 10.10 -11.93 -5.23
CA THR B 129 8.80 -11.59 -5.80
C THR B 129 8.03 -10.72 -4.82
N PHE B 130 7.25 -9.77 -5.36
CA PHE B 130 6.53 -8.78 -4.57
C PHE B 130 5.08 -8.74 -5.04
N LEU B 131 4.15 -8.81 -4.08
CA LEU B 131 2.73 -8.70 -4.35
C LEU B 131 2.24 -7.36 -3.79
N ILE B 132 1.81 -6.48 -4.69
CA ILE B 132 1.39 -5.11 -4.36
C ILE B 132 -0.11 -5.00 -4.61
N ASP B 133 -0.84 -4.36 -3.69
CA ASP B 133 -2.29 -4.24 -3.86
C ASP B 133 -2.67 -3.05 -4.75
N ALA B 134 -3.99 -2.87 -4.93
CA ALA B 134 -4.54 -1.87 -5.85
C ALA B 134 -4.28 -0.44 -5.39
N ASP B 135 -3.93 -0.25 -4.12
CA ASP B 135 -3.56 1.06 -3.58
C ASP B 135 -2.05 1.31 -3.60
N GLY B 136 -1.26 0.35 -4.08
CA GLY B 136 0.18 0.52 -4.07
C GLY B 136 0.86 0.14 -2.76
N VAL B 137 0.18 -0.58 -1.86
CA VAL B 137 0.79 -1.04 -0.62
C VAL B 137 1.38 -2.44 -0.86
N LEU B 138 2.62 -2.66 -0.41
CA LEU B 138 3.22 -4.00 -0.52
C LEU B 138 2.55 -4.94 0.48
N ARG B 139 1.99 -6.04 -0.01
CA ARG B 139 1.29 -6.98 0.85
C ARG B 139 2.14 -8.17 1.24
N GLN B 140 2.97 -8.68 0.33
CA GLN B 140 3.84 -9.82 0.61
C GLN B 140 5.09 -9.70 -0.23
N ALA B 141 6.21 -10.18 0.33
CA ALA B 141 7.50 -10.20 -0.37
C ALA B 141 8.20 -11.53 -0.08
N TRP B 142 8.66 -12.20 -1.12
CA TRP B 142 9.35 -13.48 -1.00
C TRP B 142 10.75 -13.32 -1.60
N ARG B 143 11.77 -13.40 -0.77
CA ARG B 143 13.13 -13.13 -1.19
C ARG B 143 13.99 -14.39 -1.12
N GLY B 144 14.86 -14.57 -2.11
CA GLY B 144 15.83 -15.65 -2.09
C GLY B 144 15.21 -17.03 -2.24
N ILE B 145 14.11 -17.13 -2.96
CA ILE B 145 13.37 -18.39 -3.05
C ILE B 145 13.90 -19.27 -4.16
N LYS B 146 13.71 -20.57 -4.01
CA LYS B 146 13.86 -21.51 -5.10
C LYS B 146 12.62 -21.49 -5.99
N VAL B 147 12.80 -21.84 -7.25
CA VAL B 147 11.70 -21.78 -8.21
C VAL B 147 10.60 -22.79 -7.90
N PRO B 148 10.88 -24.07 -7.68
CA PRO B 148 9.79 -25.05 -7.54
C PRO B 148 8.81 -24.68 -6.42
N GLY B 149 7.51 -24.71 -6.76
CA GLY B 149 6.45 -24.37 -5.83
C GLY B 149 6.17 -22.89 -5.65
N HIS B 150 7.08 -22.01 -6.07
CA HIS B 150 6.96 -20.59 -5.74
C HIS B 150 5.81 -19.92 -6.50
N VAL B 151 5.73 -20.11 -7.82
CA VAL B 151 4.70 -19.40 -8.57
C VAL B 151 3.32 -19.84 -8.14
N ASP B 152 3.13 -21.13 -7.86
CA ASP B 152 1.86 -21.60 -7.30
C ASP B 152 1.55 -20.93 -5.97
N ASP B 153 2.57 -20.76 -5.12
CA ASP B 153 2.36 -20.10 -3.83
C ASP B 153 1.94 -18.65 -4.04
N VAL B 154 2.59 -17.96 -4.97
CA VAL B 154 2.23 -16.56 -5.25
C VAL B 154 0.81 -16.47 -5.79
N LEU B 155 0.42 -17.38 -6.69
CA LEU B 155 -0.96 -17.37 -7.19
C LEU B 155 -1.96 -17.52 -6.05
N SER B 156 -1.72 -18.47 -5.14
CA SER B 156 -2.64 -18.64 -4.02
C SER B 156 -2.74 -17.36 -3.18
N ALA B 157 -1.61 -16.68 -2.96
CA ALA B 157 -1.64 -15.41 -2.24
C ALA B 157 -2.46 -14.36 -2.99
N VAL B 158 -2.30 -14.27 -4.31
CA VAL B 158 -3.09 -13.35 -5.12
C VAL B 158 -4.57 -13.68 -5.01
N GLN B 159 -4.89 -14.98 -5.05
CA GLN B 159 -6.29 -15.40 -5.02
C GLN B 159 -6.96 -15.07 -3.68
N ALA B 160 -6.19 -14.97 -2.60
CA ALA B 160 -6.73 -14.72 -1.27
C ALA B 160 -6.71 -13.23 -0.92
N LEU B 161 -6.12 -12.41 -1.76
CA LEU B 161 -5.96 -10.99 -1.47
C LEU B 161 -7.23 -10.19 -1.77
#